data_2O5A
#
_entry.id   2O5A
#
_cell.length_a   119.936
_cell.length_b   32.021
_cell.length_c   59.546
_cell.angle_alpha   90.00
_cell.angle_beta   90.00
_cell.angle_gamma   90.00
#
_symmetry.space_group_name_H-M   'P 21 21 2'
#
loop_
_entity.id
_entity.type
_entity.pdbx_description
1 polymer 'BH1328 protein'
2 non-polymer 'MANGANESE (II) ION'
3 non-polymer 'SULFATE ION'
4 water water
#
_entity_poly.entity_id   1
_entity_poly.type   'polypeptide(L)'
_entity_poly.pdbx_seq_one_letter_code
;(MSE)SNQELLQLAVNAVDDKKAEQVVALN(MSE)KGISLIADFFLICHGNSEKQVQAIAHELKKVAQEQGIEIKRLEGY
EQARWVLIDLGDVVVHVFHKDERAYYNLEKLWGDAPTVELEGVISLEHHHHHH
;
_entity_poly.pdbx_strand_id   A,B
#
# COMPACT_ATOMS: atom_id res chain seq x y z
N SER A 2 16.44 -5.61 -9.02
CA SER A 2 17.48 -5.21 -10.02
C SER A 2 18.42 -4.18 -9.44
N ASN A 3 18.76 -3.18 -10.25
CA ASN A 3 19.67 -2.15 -9.81
C ASN A 3 19.26 -0.76 -10.30
N GLN A 4 20.16 0.19 -10.13
CA GLN A 4 19.91 1.57 -10.53
C GLN A 4 19.72 1.75 -12.03
N GLU A 5 19.99 0.70 -12.80
CA GLU A 5 19.84 0.79 -14.25
C GLU A 5 18.38 0.93 -14.65
N LEU A 6 17.50 0.16 -14.04
CA LEU A 6 16.08 0.23 -14.36
C LEU A 6 15.53 1.46 -13.62
N LEU A 7 15.96 1.60 -12.37
CA LEU A 7 15.53 2.72 -11.53
C LEU A 7 15.85 4.07 -12.16
N GLN A 8 17.07 4.24 -12.64
CA GLN A 8 17.45 5.51 -13.28
C GLN A 8 16.66 5.66 -14.57
N LEU A 9 16.32 4.53 -15.17
CA LEU A 9 15.56 4.51 -16.41
C LEU A 9 14.15 5.03 -16.13
N ALA A 10 13.59 4.60 -15.00
CA ALA A 10 12.26 5.02 -14.60
C ALA A 10 12.25 6.45 -14.09
N VAL A 11 13.29 6.82 -13.34
CA VAL A 11 13.39 8.17 -12.79
C VAL A 11 13.44 9.21 -13.90
N ASN A 12 14.19 8.92 -14.96
CA ASN A 12 14.30 9.83 -16.08
C ASN A 12 12.97 9.96 -16.81
N ALA A 13 12.40 8.84 -17.21
CA ALA A 13 11.12 8.83 -17.91
C ALA A 13 10.13 9.70 -17.14
N VAL A 14 9.96 9.40 -15.86
CA VAL A 14 9.06 10.14 -14.99
C VAL A 14 9.48 11.61 -14.89
N ASP A 15 10.78 11.88 -15.04
CA ASP A 15 11.31 13.23 -14.96
C ASP A 15 11.07 14.06 -16.22
N ASP A 16 11.04 13.39 -17.37
CA ASP A 16 10.82 14.07 -18.64
C ASP A 16 9.43 14.70 -18.68
N LYS A 17 8.49 14.08 -17.95
CA LYS A 17 7.12 14.56 -17.92
C LYS A 17 6.81 15.50 -16.75
N LYS A 18 7.85 15.87 -16.00
CA LYS A 18 7.70 16.79 -14.87
C LYS A 18 7.03 16.24 -13.63
N ALA A 19 7.14 14.93 -13.40
CA ALA A 19 6.52 14.33 -12.22
C ALA A 19 7.14 14.96 -10.98
N GLU A 20 6.30 15.35 -10.03
CA GLU A 20 6.79 15.99 -8.81
C GLU A 20 6.93 15.05 -7.60
N GLN A 21 7.81 15.45 -6.68
CA GLN A 21 8.08 14.70 -5.46
C GLN A 21 8.48 13.25 -5.71
N VAL A 22 9.42 13.05 -6.63
CA VAL A 22 9.89 11.71 -6.96
C VAL A 22 10.65 11.10 -5.78
N VAL A 23 10.20 9.92 -5.35
CA VAL A 23 10.83 9.23 -4.24
C VAL A 23 10.98 7.74 -4.54
N ALA A 24 12.17 7.22 -4.29
CA ALA A 24 12.44 5.81 -4.51
C ALA A 24 12.47 5.11 -3.17
N LEU A 25 11.99 3.87 -3.14
CA LEU A 25 11.95 3.11 -1.90
C LEU A 25 12.67 1.78 -2.08
N ASN A 26 13.67 1.55 -1.23
CA ASN A 26 14.43 0.31 -1.29
C ASN A 26 13.57 -0.78 -0.65
N LYS A 28 13.75 -3.68 -0.15
CA LYS A 28 14.75 -4.67 -0.22
C LYS A 28 14.81 -5.22 1.18
N GLY A 29 14.27 -6.39 1.40
CA GLY A 29 14.08 -6.90 2.75
C GLY A 29 12.61 -6.85 3.13
N ILE A 30 11.91 -6.22 2.24
CA ILE A 30 10.52 -5.84 2.45
C ILE A 30 9.59 -6.54 1.49
N SER A 31 9.92 -6.47 0.21
CA SER A 31 9.11 -7.12 -0.81
C SER A 31 9.90 -8.19 -1.55
N LEU A 32 9.16 -8.95 -2.36
CA LEU A 32 9.75 -10.03 -3.14
C LEU A 32 9.35 -9.89 -4.61
N ASP A 35 12.58 -4.77 -5.43
CA ASP A 35 13.85 -4.16 -5.05
C ASP A 35 13.65 -2.66 -4.85
N PHE A 36 12.98 -2.02 -5.80
CA PHE A 36 12.73 -0.59 -5.73
C PHE A 36 11.28 -0.25 -6.08
N PHE A 37 10.75 0.75 -5.38
CA PHE A 37 9.40 1.25 -5.60
C PHE A 37 9.57 2.74 -5.84
N LEU A 38 9.21 3.21 -7.03
CA LEU A 38 9.38 4.62 -7.37
C LEU A 38 8.04 5.36 -7.25
N ILE A 39 8.02 6.40 -6.42
CA ILE A 39 6.82 7.20 -6.20
C ILE A 39 6.93 8.64 -6.68
N CYS A 40 5.81 9.14 -7.18
CA CYS A 40 5.71 10.50 -7.67
C CYS A 40 4.25 10.81 -7.92
N HIS A 41 3.97 12.03 -8.35
CA HIS A 41 2.59 12.41 -8.59
C HIS A 41 2.43 13.46 -9.67
N GLY A 42 1.22 13.56 -10.20
CA GLY A 42 0.91 14.54 -11.21
C GLY A 42 -0.09 15.51 -10.60
N ASN A 43 -0.23 16.68 -11.21
CA ASN A 43 -1.15 17.68 -10.68
C ASN A 43 -2.53 17.62 -11.32
N SER A 44 -2.69 16.72 -12.29
CA SER A 44 -3.96 16.55 -12.98
C SER A 44 -3.98 15.14 -13.54
N GLU A 45 -5.17 14.65 -13.90
CA GLU A 45 -5.28 13.31 -14.43
C GLU A 45 -4.59 13.20 -15.79
N LYS A 46 -4.46 14.33 -16.48
CA LYS A 46 -3.80 14.35 -17.78
C LYS A 46 -2.29 14.24 -17.58
N GLN A 47 -1.79 14.88 -16.52
CA GLN A 47 -0.36 14.84 -16.24
C GLN A 47 0.04 13.48 -15.70
N VAL A 48 -0.85 12.86 -14.92
CA VAL A 48 -0.58 11.55 -14.36
C VAL A 48 -0.46 10.52 -15.47
N GLN A 49 -1.34 10.61 -16.47
CA GLN A 49 -1.31 9.69 -17.59
C GLN A 49 -0.11 9.95 -18.50
N ALA A 50 0.31 11.21 -18.58
CA ALA A 50 1.45 11.57 -19.41
C ALA A 50 2.69 10.88 -18.85
N ILE A 51 2.81 10.91 -17.53
CA ILE A 51 3.93 10.28 -16.84
C ILE A 51 3.90 8.78 -17.06
N ALA A 52 2.76 8.18 -16.75
CA ALA A 52 2.59 6.74 -16.90
C ALA A 52 2.88 6.29 -18.32
N HIS A 53 2.54 7.12 -19.29
CA HIS A 53 2.76 6.78 -20.69
C HIS A 53 4.22 6.87 -21.10
N GLU A 54 4.92 7.90 -20.61
CA GLU A 54 6.33 8.08 -20.93
C GLU A 54 7.11 6.89 -20.37
N LEU A 55 6.64 6.38 -19.24
CA LEU A 55 7.28 5.23 -18.60
C LEU A 55 7.04 4.01 -19.48
N LYS A 56 5.83 3.90 -20.01
CA LYS A 56 5.48 2.79 -20.88
C LYS A 56 6.27 2.90 -22.18
N LYS A 57 6.28 4.11 -22.74
CA LYS A 57 6.99 4.38 -23.98
C LYS A 57 8.48 4.01 -23.83
N VAL A 58 9.09 4.48 -22.74
CA VAL A 58 10.51 4.21 -22.49
C VAL A 58 10.76 2.74 -22.22
N ALA A 59 9.81 2.08 -21.56
CA ALA A 59 9.96 0.66 -21.23
C ALA A 59 9.98 -0.21 -22.48
N GLN A 60 9.24 0.20 -23.50
CA GLN A 60 9.16 -0.55 -24.75
C GLN A 60 10.34 -0.26 -25.68
N GLU A 61 11.04 0.83 -25.41
CA GLU A 61 12.21 1.20 -26.21
C GLU A 61 13.38 0.35 -25.73
N GLN A 62 13.57 0.32 -24.42
CA GLN A 62 14.65 -0.42 -23.79
C GLN A 62 14.34 -1.92 -23.82
N GLY A 63 13.13 -2.26 -24.25
CA GLY A 63 12.73 -3.65 -24.32
C GLY A 63 12.52 -4.29 -22.95
N ILE A 64 11.86 -3.56 -22.06
CA ILE A 64 11.58 -4.06 -20.71
C ILE A 64 10.12 -4.49 -20.62
N GLU A 65 9.87 -5.68 -20.13
CA GLU A 65 8.55 -6.18 -20.07
C GLU A 65 7.77 -5.59 -18.97
N ILE A 66 6.65 -4.99 -19.30
CA ILE A 66 5.77 -4.38 -18.31
C ILE A 66 4.87 -5.49 -17.78
N LYS A 67 5.08 -5.86 -16.53
CA LYS A 67 4.30 -6.91 -15.90
C LYS A 67 2.89 -6.47 -15.54
N ARG A 68 2.76 -5.23 -15.06
CA ARG A 68 1.47 -4.70 -14.69
C ARG A 68 1.32 -3.22 -15.00
N LEU A 69 0.07 -2.81 -15.17
CA LEU A 69 -0.28 -1.41 -15.44
C LEU A 69 -1.75 -1.31 -15.07
N GLU A 70 -2.02 -0.66 -13.95
CA GLU A 70 -3.39 -0.53 -13.47
C GLU A 70 -3.74 0.89 -13.04
N GLY A 71 -5.00 1.26 -13.26
CA GLY A 71 -5.48 2.58 -12.89
C GLY A 71 -5.10 3.69 -13.86
N TYR A 72 -4.71 3.32 -15.08
CA TYR A 72 -4.33 4.32 -16.07
C TYR A 72 -5.50 5.21 -16.48
N GLU A 73 -6.62 4.58 -16.86
CA GLU A 73 -7.80 5.34 -17.27
C GLU A 73 -8.23 6.35 -16.22
N GLN A 74 -8.42 5.88 -14.99
CA GLN A 74 -8.84 6.75 -13.89
C GLN A 74 -7.80 7.82 -13.57
N ALA A 75 -6.53 7.49 -13.76
CA ALA A 75 -5.43 8.42 -13.51
C ALA A 75 -5.43 9.00 -12.10
N ARG A 76 -5.73 8.18 -11.10
CA ARG A 76 -5.72 8.62 -9.72
C ARG A 76 -4.53 7.94 -9.04
N TRP A 77 -4.31 6.70 -9.42
CA TRP A 77 -3.22 5.90 -8.89
C TRP A 77 -2.84 4.86 -9.93
N VAL A 78 -1.85 5.19 -10.76
CA VAL A 78 -1.40 4.30 -11.81
C VAL A 78 -0.19 3.51 -11.33
N LEU A 79 -0.27 2.19 -11.46
CA LEU A 79 0.82 1.30 -11.04
C LEU A 79 1.43 0.67 -12.28
N ILE A 80 2.73 0.88 -12.47
CA ILE A 80 3.44 0.32 -13.61
C ILE A 80 4.48 -0.66 -13.09
N ASP A 81 4.22 -1.94 -13.24
CA ASP A 81 5.14 -2.98 -12.78
C ASP A 81 6.18 -3.27 -13.85
N LEU A 82 7.43 -2.88 -13.60
CA LEU A 82 8.52 -3.11 -14.53
C LEU A 82 9.42 -4.25 -14.07
N GLY A 83 8.96 -4.98 -13.06
CA GLY A 83 9.74 -6.09 -12.54
C GLY A 83 10.49 -5.74 -11.27
N ASP A 84 11.81 -5.59 -11.40
CA ASP A 84 12.64 -5.25 -10.26
C ASP A 84 12.25 -3.89 -9.70
N VAL A 85 11.61 -3.09 -10.53
CA VAL A 85 11.16 -1.75 -10.13
C VAL A 85 9.66 -1.61 -10.39
N VAL A 86 8.96 -1.01 -9.43
CA VAL A 86 7.53 -0.79 -9.55
C VAL A 86 7.28 0.69 -9.34
N VAL A 87 6.71 1.35 -10.35
CA VAL A 87 6.44 2.78 -10.26
C VAL A 87 5.00 3.07 -9.87
N HIS A 88 4.83 4.05 -8.98
CA HIS A 88 3.51 4.48 -8.52
C HIS A 88 3.33 5.94 -8.86
N VAL A 89 2.44 6.23 -9.81
CA VAL A 89 2.16 7.59 -10.21
C VAL A 89 0.81 8.03 -9.66
N PHE A 90 0.84 8.84 -8.61
CA PHE A 90 -0.39 9.33 -7.99
C PHE A 90 -0.83 10.69 -8.51
N HIS A 91 -2.10 11.00 -8.26
CA HIS A 91 -2.67 12.28 -8.62
C HIS A 91 -2.49 13.06 -7.33
N LYS A 92 -1.98 14.28 -7.42
CA LYS A 92 -1.74 15.09 -6.22
C LYS A 92 -2.88 15.05 -5.19
N ASP A 93 -4.09 14.76 -5.65
CA ASP A 93 -5.24 14.71 -4.75
C ASP A 93 -5.60 13.30 -4.25
N GLU A 94 -4.82 12.30 -4.63
CA GLU A 94 -5.09 10.93 -4.19
C GLU A 94 -4.76 10.78 -2.72
N ARG A 95 -5.70 10.25 -1.93
CA ARG A 95 -5.50 10.07 -0.50
C ARG A 95 -4.49 8.99 -0.12
N ALA A 96 -4.54 7.85 -0.81
CA ALA A 96 -3.61 6.76 -0.51
C ALA A 96 -2.18 7.24 -0.71
N TYR A 97 -2.04 8.39 -1.37
CA TYR A 97 -0.74 8.98 -1.65
C TYR A 97 -0.18 9.68 -0.42
N TYR A 98 -1.04 9.99 0.54
CA TYR A 98 -0.60 10.66 1.77
C TYR A 98 -0.62 9.68 2.94
N ASN A 99 -1.06 8.46 2.66
CA ASN A 99 -1.11 7.40 3.66
C ASN A 99 -0.12 6.33 3.23
N LEU A 100 0.67 6.65 2.22
CA LEU A 100 1.68 5.75 1.69
C LEU A 100 2.75 5.54 2.77
N GLU A 101 2.55 6.20 3.89
CA GLU A 101 3.46 6.11 5.02
C GLU A 101 3.21 4.79 5.72
N LYS A 102 1.95 4.52 6.05
CA LYS A 102 1.56 3.27 6.70
C LYS A 102 2.22 2.14 5.93
N LEU A 103 1.94 2.10 4.63
CA LEU A 103 2.52 1.09 3.76
C LEU A 103 4.02 1.30 3.66
N TRP A 104 4.76 0.23 3.40
CA TRP A 104 6.19 0.37 3.25
C TRP A 104 6.74 1.35 4.30
N PRO A 108 12.09 3.21 4.22
CA PRO A 108 13.49 3.17 3.80
C PRO A 108 13.67 3.70 2.38
N THR A 109 14.01 4.98 2.27
CA THR A 109 14.20 5.61 0.97
C THR A 109 15.55 5.31 0.34
N VAL A 110 15.73 5.77 -0.89
CA VAL A 110 16.97 5.58 -1.63
C VAL A 110 17.51 6.91 -2.12
N GLU A 111 18.72 7.25 -1.70
CA GLU A 111 19.36 8.50 -2.10
C GLU A 111 19.71 8.45 -3.58
N LEU A 112 18.74 8.77 -4.44
CA LEU A 112 18.91 8.76 -5.89
C LEU A 112 20.25 9.36 -6.33
N GLU A 113 20.50 10.60 -5.92
CA GLU A 113 21.73 11.29 -6.27
C GLU A 113 22.88 10.61 -5.54
N GLY A 114 23.17 9.36 -5.91
CA GLY A 114 24.23 8.61 -5.27
C GLY A 114 24.07 7.11 -5.45
N ASN B 3 1.54 -17.47 12.54
CA ASN B 3 0.66 -18.48 11.86
C ASN B 3 -0.81 -18.17 12.19
N GLN B 4 -1.68 -19.16 11.99
CA GLN B 4 -3.10 -18.96 12.28
C GLN B 4 -3.38 -18.60 13.74
N GLU B 5 -2.37 -18.74 14.59
CA GLU B 5 -2.52 -18.44 16.01
C GLU B 5 -2.72 -16.94 16.24
N LEU B 6 -1.87 -16.12 15.61
CA LEU B 6 -1.98 -14.68 15.76
C LEU B 6 -3.16 -14.23 14.90
N LEU B 7 -3.24 -14.82 13.70
CA LEU B 7 -4.30 -14.50 12.75
C LEU B 7 -5.69 -14.75 13.33
N GLN B 8 -5.90 -15.90 13.95
CA GLN B 8 -7.19 -16.20 14.55
C GLN B 8 -7.41 -15.28 15.75
N LEU B 9 -6.31 -14.86 16.35
CA LEU B 9 -6.36 -13.97 17.50
C LEU B 9 -6.86 -12.60 17.03
N ALA B 10 -6.39 -12.19 15.86
CA ALA B 10 -6.77 -10.91 15.27
C ALA B 10 -8.18 -10.97 14.68
N VAL B 11 -8.51 -12.09 14.06
CA VAL B 11 -9.83 -12.26 13.45
C VAL B 11 -10.93 -12.18 14.50
N ASN B 12 -10.69 -12.81 15.65
CA ASN B 12 -11.67 -12.79 16.73
C ASN B 12 -11.84 -11.38 17.29
N ALA B 13 -10.73 -10.77 17.70
CA ALA B 13 -10.77 -9.41 18.24
C ALA B 13 -11.59 -8.53 17.33
N VAL B 14 -11.22 -8.52 16.05
CA VAL B 14 -11.92 -7.73 15.04
C VAL B 14 -13.38 -8.16 14.91
N ASP B 15 -13.65 -9.43 15.20
CA ASP B 15 -15.01 -9.97 15.11
C ASP B 15 -15.89 -9.61 16.29
N ASP B 16 -15.29 -9.44 17.46
CA ASP B 16 -16.03 -9.07 18.66
C ASP B 16 -16.66 -7.69 18.52
N LYS B 17 -16.02 -6.84 17.73
CA LYS B 17 -16.50 -5.48 17.51
C LYS B 17 -17.38 -5.32 16.28
N LYS B 18 -17.71 -6.43 15.63
CA LYS B 18 -18.57 -6.43 14.44
C LYS B 18 -17.94 -5.89 13.17
N ALA B 19 -16.63 -6.05 13.01
CA ALA B 19 -15.97 -5.56 11.80
C ALA B 19 -16.54 -6.32 10.60
N GLU B 20 -16.89 -5.58 9.55
CA GLU B 20 -17.47 -6.19 8.36
C GLU B 20 -16.49 -6.47 7.23
N GLN B 21 -16.84 -7.45 6.41
CA GLN B 21 -16.04 -7.87 5.26
C GLN B 21 -14.59 -8.21 5.61
N VAL B 22 -14.42 -9.04 6.64
CA VAL B 22 -13.08 -9.45 7.07
C VAL B 22 -12.43 -10.33 6.02
N VAL B 23 -11.23 -9.93 5.61
CA VAL B 23 -10.47 -10.67 4.61
C VAL B 23 -9.01 -10.77 5.01
N ALA B 24 -8.47 -11.98 4.93
CA ALA B 24 -7.07 -12.22 5.26
C ALA B 24 -6.31 -12.40 3.96
N LEU B 25 -5.06 -11.95 3.95
CA LEU B 25 -4.23 -12.06 2.75
C LEU B 25 -2.91 -12.73 3.08
N ASN B 26 -2.64 -13.84 2.39
CA ASN B 26 -1.40 -14.57 2.61
C ASN B 26 -0.29 -13.81 1.89
N LYS B 28 2.85 -14.54 2.04
CA LYS B 28 3.97 -15.41 1.75
C LYS B 28 4.39 -15.31 0.33
N GLY B 29 5.62 -14.88 0.11
CA GLY B 29 6.09 -14.74 -1.25
C GLY B 29 5.76 -13.36 -1.81
N ILE B 30 5.29 -12.48 -0.93
CA ILE B 30 4.92 -11.11 -1.33
C ILE B 30 5.59 -10.08 -0.43
N SER B 31 5.45 -10.27 0.88
CA SER B 31 6.03 -9.35 1.85
C SER B 31 7.00 -10.07 2.78
N LEU B 32 7.63 -9.34 3.68
CA LEU B 32 8.58 -9.95 4.60
C LEU B 32 8.32 -9.57 6.06
N ASP B 35 3.55 -12.18 6.28
CA ASP B 35 2.64 -13.25 6.67
C ASP B 35 1.19 -13.06 6.30
N PHE B 36 0.51 -12.24 7.06
CA PHE B 36 -0.91 -12.07 6.91
C PHE B 36 -1.30 -10.62 6.95
N PHE B 37 -2.03 -10.13 5.98
CA PHE B 37 -2.58 -8.83 6.09
C PHE B 37 -4.01 -8.94 6.32
N LEU B 38 -4.54 -8.24 7.27
CA LEU B 38 -5.93 -8.41 7.48
C LEU B 38 -6.67 -7.16 7.34
N ILE B 39 -7.71 -7.27 6.60
CA ILE B 39 -8.54 -6.12 6.29
C ILE B 39 -9.98 -6.30 6.71
N CYS B 40 -10.59 -5.19 7.09
CA CYS B 40 -11.97 -5.14 7.53
C CYS B 40 -12.32 -3.66 7.63
N HIS B 41 -13.58 -3.38 7.94
CA HIS B 41 -14.00 -1.99 8.06
C HIS B 41 -15.13 -1.80 9.06
N GLY B 42 -15.31 -0.54 9.46
CA GLY B 42 -16.37 -0.19 10.38
C GLY B 42 -17.32 0.71 9.64
N ASN B 43 -18.54 0.87 10.15
CA ASN B 43 -19.53 1.70 9.49
C ASN B 43 -19.56 3.13 10.01
N SER B 44 -18.72 3.41 11.00
CA SER B 44 -18.63 4.73 11.59
C SER B 44 -17.26 4.86 12.24
N GLU B 45 -16.82 6.09 12.48
CA GLU B 45 -15.52 6.30 13.10
C GLU B 45 -15.48 5.74 14.51
N LYS B 46 -16.64 5.63 15.14
CA LYS B 46 -16.73 5.09 16.49
C LYS B 46 -16.56 3.57 16.44
N GLN B 47 -17.11 2.96 15.40
CA GLN B 47 -17.00 1.51 15.25
C GLN B 47 -15.59 1.12 14.82
N VAL B 48 -14.97 1.95 14.00
CA VAL B 48 -13.62 1.69 13.53
C VAL B 48 -12.64 1.70 14.70
N GLN B 49 -12.83 2.65 15.60
CA GLN B 49 -11.98 2.76 16.78
C GLN B 49 -12.25 1.65 17.77
N ALA B 50 -13.50 1.19 17.83
CA ALA B 50 -13.87 0.11 18.73
C ALA B 50 -13.10 -1.15 18.32
N ILE B 51 -13.04 -1.37 17.02
CA ILE B 51 -12.34 -2.52 16.48
C ILE B 51 -10.85 -2.43 16.75
N ALA B 52 -10.26 -1.30 16.40
CA ALA B 52 -8.84 -1.07 16.61
C ALA B 52 -8.48 -1.24 18.08
N HIS B 53 -9.37 -0.82 18.97
CA HIS B 53 -9.10 -0.91 20.40
C HIS B 53 -9.20 -2.35 20.92
N GLU B 54 -10.17 -3.10 20.43
CA GLU B 54 -10.33 -4.50 20.86
C GLU B 54 -9.08 -5.27 20.45
N LEU B 55 -8.49 -4.88 19.32
CA LEU B 55 -7.29 -5.53 18.83
C LEU B 55 -6.14 -5.17 19.76
N LYS B 56 -6.10 -3.90 20.16
CA LYS B 56 -5.07 -3.40 21.06
C LYS B 56 -5.22 -4.09 22.41
N LYS B 57 -6.45 -4.11 22.91
CA LYS B 57 -6.78 -4.73 24.19
C LYS B 57 -6.37 -6.21 24.19
N VAL B 58 -6.76 -6.92 23.14
CA VAL B 58 -6.44 -8.34 23.00
C VAL B 58 -4.95 -8.58 22.85
N ALA B 59 -4.26 -7.66 22.17
CA ALA B 59 -2.83 -7.78 21.95
C ALA B 59 -2.03 -7.66 23.24
N GLN B 60 -2.54 -6.85 24.17
CA GLN B 60 -1.88 -6.63 25.45
C GLN B 60 -2.18 -7.73 26.46
N GLU B 61 -3.22 -8.52 26.17
CA GLU B 61 -3.60 -9.62 27.05
C GLU B 61 -2.68 -10.80 26.75
N GLN B 62 -2.56 -11.10 25.46
CA GLN B 62 -1.73 -12.20 24.98
C GLN B 62 -0.25 -11.83 25.07
N GLY B 63 0.01 -10.57 25.40
CA GLY B 63 1.39 -10.11 25.52
C GLY B 63 2.11 -9.98 24.20
N ILE B 64 1.45 -9.50 23.15
CA ILE B 64 2.08 -9.34 21.87
C ILE B 64 2.32 -7.93 21.64
N GLU B 65 3.42 -7.62 21.03
CA GLU B 65 3.90 -6.26 20.97
C GLU B 65 3.47 -5.48 19.72
N ILE B 66 2.83 -4.37 19.95
CA ILE B 66 2.29 -3.63 18.89
C ILE B 66 3.40 -2.82 18.41
N LYS B 67 3.82 -3.11 17.22
CA LYS B 67 4.88 -2.34 16.59
C LYS B 67 4.41 -0.98 16.08
N ARG B 68 3.21 -0.96 15.53
CA ARG B 68 2.65 0.29 15.01
C ARG B 68 1.15 0.40 15.21
N LEU B 69 0.69 1.65 15.25
CA LEU B 69 -0.72 1.98 15.40
C LEU B 69 -0.85 3.40 14.90
N GLU B 70 -1.45 3.56 13.72
CA GLU B 70 -1.59 4.88 13.13
C GLU B 70 -2.99 5.14 12.58
N GLY B 71 -3.42 6.39 12.68
CA GLY B 71 -4.73 6.78 12.19
C GLY B 71 -5.88 6.46 13.12
N TYR B 72 -5.58 6.22 14.40
CA TYR B 72 -6.62 5.88 15.37
C TYR B 72 -7.56 7.05 15.62
N GLU B 73 -6.99 8.23 15.89
CA GLU B 73 -7.80 9.42 16.15
C GLU B 73 -8.78 9.70 15.02
N GLN B 74 -8.25 9.78 13.80
CA GLN B 74 -9.08 10.07 12.63
C GLN B 74 -10.09 8.95 12.34
N ALA B 75 -9.73 7.72 12.68
CA ALA B 75 -10.60 6.57 12.47
C ALA B 75 -11.10 6.42 11.04
N ARG B 76 -10.24 6.67 10.07
CA ARG B 76 -10.61 6.53 8.66
C ARG B 76 -9.85 5.33 8.11
N TRP B 77 -8.63 5.17 8.62
CA TRP B 77 -7.76 4.07 8.23
C TRP B 77 -6.77 3.83 9.35
N VAL B 78 -7.12 2.92 10.26
CA VAL B 78 -6.25 2.60 11.39
C VAL B 78 -5.39 1.38 11.07
N LEU B 79 -4.09 1.53 11.29
CA LEU B 79 -3.15 0.44 11.03
C LEU B 79 -2.57 -0.04 12.35
N ILE B 80 -2.72 -1.33 12.63
CA ILE B 80 -2.19 -1.92 13.85
C ILE B 80 -1.16 -2.98 13.47
N ASP B 81 0.11 -2.66 13.67
CA ASP B 81 1.18 -3.58 13.34
C ASP B 81 1.43 -4.54 14.51
N LEU B 82 1.07 -5.80 14.32
CA LEU B 82 1.26 -6.80 15.36
C LEU B 82 2.46 -7.69 15.06
N GLY B 83 3.24 -7.30 14.06
CA GLY B 83 4.41 -8.07 13.69
C GLY B 83 4.17 -8.96 12.48
N ASP B 84 4.04 -10.26 12.72
CA ASP B 84 3.80 -11.22 11.65
C ASP B 84 2.45 -10.94 10.98
N VAL B 85 1.59 -10.23 11.68
CA VAL B 85 0.27 -9.87 11.17
C VAL B 85 0.06 -8.37 11.29
N VAL B 86 -0.47 -7.78 10.23
CA VAL B 86 -0.76 -6.35 10.20
C VAL B 86 -2.24 -6.17 9.87
N VAL B 87 -2.95 -5.52 10.76
CA VAL B 87 -4.38 -5.31 10.57
C VAL B 87 -4.71 -3.92 10.05
N HIS B 88 -5.62 -3.86 9.08
CA HIS B 88 -6.05 -2.60 8.49
C HIS B 88 -7.54 -2.44 8.73
N VAL B 89 -7.91 -1.50 9.59
CA VAL B 89 -9.31 -1.25 9.90
C VAL B 89 -9.75 0.04 9.22
N PHE B 90 -10.52 -0.11 8.13
CA PHE B 90 -11.00 1.04 7.39
C PHE B 90 -12.41 1.46 7.78
N HIS B 91 -12.76 2.69 7.40
CA HIS B 91 -14.08 3.22 7.63
C HIS B 91 -14.76 2.91 6.31
N LYS B 92 -15.99 2.37 6.37
CA LYS B 92 -16.70 2.00 5.15
C LYS B 92 -16.64 3.04 4.03
N ASP B 93 -16.39 4.30 4.39
CA ASP B 93 -16.32 5.36 3.39
C ASP B 93 -14.91 5.74 2.95
N GLU B 94 -13.90 5.02 3.43
CA GLU B 94 -12.52 5.31 3.06
C GLU B 94 -12.25 4.85 1.63
N ARG B 95 -11.71 5.74 0.82
CA ARG B 95 -11.42 5.44 -0.58
C ARG B 95 -10.29 4.44 -0.81
N ALA B 96 -9.20 4.60 -0.07
CA ALA B 96 -8.05 3.70 -0.21
C ALA B 96 -8.50 2.27 0.07
N TYR B 97 -9.67 2.14 0.70
CA TYR B 97 -10.23 0.84 1.05
C TYR B 97 -10.85 0.14 -0.17
N TYR B 98 -11.13 0.92 -1.22
CA TYR B 98 -11.71 0.36 -2.43
C TYR B 98 -10.66 0.30 -3.55
N ASN B 99 -9.47 0.82 -3.24
CA ASN B 99 -8.36 0.81 -4.17
C ASN B 99 -7.28 -0.10 -3.60
N LEU B 100 -7.64 -0.80 -2.54
CA LEU B 100 -6.73 -1.72 -1.88
C LEU B 100 -6.44 -2.88 -2.83
N GLU B 101 -7.02 -2.80 -4.02
CA GLU B 101 -6.83 -3.80 -5.05
C GLU B 101 -5.47 -3.56 -5.68
N LYS B 102 -5.23 -2.33 -6.12
CA LYS B 102 -3.95 -1.98 -6.73
C LYS B 102 -2.85 -2.53 -5.83
N LEU B 103 -2.87 -2.12 -4.57
CA LEU B 103 -1.91 -2.59 -3.60
C LEU B 103 -2.05 -4.10 -3.59
N TRP B 104 -0.93 -4.78 -3.81
CA TRP B 104 -0.88 -6.24 -3.85
C TRP B 104 -1.85 -6.79 -4.89
N PRO B 108 -4.71 -14.65 -3.14
CA PRO B 108 -4.13 -15.31 -1.97
C PRO B 108 -4.95 -15.07 -0.70
N THR B 109 -6.27 -15.13 -0.84
CA THR B 109 -7.17 -14.89 0.30
C THR B 109 -7.23 -16.07 1.27
N VAL B 110 -6.91 -15.80 2.53
CA VAL B 110 -6.95 -16.83 3.55
C VAL B 110 -8.40 -17.13 3.90
N GLU B 111 -8.69 -18.40 4.20
CA GLU B 111 -10.05 -18.81 4.54
C GLU B 111 -10.31 -18.57 6.02
N LEU B 112 -11.57 -18.33 6.38
CA LEU B 112 -11.93 -18.08 7.76
C LEU B 112 -13.25 -18.76 8.13
#